data_6ZQ0
#
_entry.id   6ZQ0
#
_cell.length_a   59.050
_cell.length_b   65.460
_cell.length_c   191.820
_cell.angle_alpha   90.000
_cell.angle_beta   90.000
_cell.angle_gamma   90.000
#
_symmetry.space_group_name_H-M   'P 21 21 21'
#
loop_
_entity.id
_entity.type
_entity.pdbx_description
1 polymer MgGH51
2 branched 2-acetamido-2-deoxy-beta-D-glucopyranose-(1-4)-2-acetamido-2-deoxy-beta-D-glucopyranose
3 branched beta-D-mannopyranose-(1-4)-2-acetamido-2-deoxy-beta-D-glucopyranose-(1-4)-2-acetamido-2-deoxy-beta-D-glucopyranose
4 non-polymer 'CHLORIDE ION'
5 non-polymer [(1~{S},2~{S},3~{S},4~{S})-2-(hydroxymethyl)-3,4-bis(oxidanyl)cyclopentyl]azanium
6 water water
#
_entity_poly.entity_id   1
_entity_poly.type   'polypeptide(L)'
_entity_poly.pdbx_seq_one_letter_code
;VTVTVNKNPSHTVPSTLYGLMFEDINHSGDGGLYAELLQNRAFQQVTPNTAAALAAWHPISNAKLAVIQDPSPVSNALPN
SLQFSVPSGSSGRVGFTNEGFWGIKVDSTWTYKASLFFRFPTSSSFSGALTVGLQTNAGRVLAQNSTQIRGTTTKWTQIN
LELHPTASAPDVSNSFFVTIDGAAGAGQTINFAMFSLFPPTFKNRPNGLRADIAETLAEMGPSFFRFPGGNNLEGQTTAT
RWQWNATVGSLLDRPGRVGDWGYVNTDGLGLLEYLQFFEDTGMEPIMAVWAGYSLGGTSLAENQLAPYIQQAIDQINFVI
GDPAKSAPAALRASLGHPEPFTLRFVEVGNEDFFAAGSYPYRWHDFVTALQAQFPQIRFIATTNAWNPVLSPVPQSYDVH
VYQTPTWFYQNAFYYDGFQRNGTTYFEGEYAAISTNANDLFGTVADGRLAFPTVQSATGEAAFMTGLERNSDIVFAASYA
PLLQHVNSTQWTPDLVSYDAGSVIKSTSFFAQKLFALNKGDQYLPSTLPTNGGTLHWSITRASSSGKTFIKIANAGSSAQ
SLTFQLTQFNSVSSTGTLQVLTGPETASNTPEAPQAIVPKTSTIGTGKTFTYNAPAFSVSVITVTTN
;
_entity_poly.pdbx_strand_id   AAA
#
# COMPACT_ATOMS: atom_id res chain seq x y z
N VAL A 1 17.43 -3.11 -35.29
CA VAL A 1 18.70 -3.13 -34.54
C VAL A 1 19.06 -4.60 -34.30
N THR A 2 20.32 -4.94 -34.46
CA THR A 2 20.90 -6.24 -34.09
C THR A 2 21.37 -6.14 -32.65
N VAL A 3 20.86 -7.03 -31.81
CA VAL A 3 21.23 -7.05 -30.38
C VAL A 3 22.02 -8.32 -30.14
N THR A 4 23.32 -8.16 -29.84
CA THR A 4 24.17 -9.32 -29.50
C THR A 4 24.08 -9.51 -27.99
N VAL A 5 23.81 -10.73 -27.57
CA VAL A 5 23.67 -11.11 -26.14
C VAL A 5 24.95 -11.82 -25.70
N ASN A 6 25.64 -11.21 -24.75
CA ASN A 6 26.82 -11.79 -24.09
C ASN A 6 26.35 -12.99 -23.23
N LYS A 7 27.03 -14.12 -23.30
CA LYS A 7 26.77 -15.30 -22.43
C LYS A 7 27.32 -15.03 -21.02
N ASN A 8 28.37 -14.22 -20.90
CA ASN A 8 29.02 -14.02 -19.57
C ASN A 8 28.26 -12.93 -18.81
N PRO A 9 27.70 -13.26 -17.63
CA PRO A 9 27.00 -12.26 -16.81
C PRO A 9 27.96 -11.19 -16.28
N SER A 10 27.53 -9.95 -16.22
CA SER A 10 28.37 -8.84 -15.70
C SER A 10 28.17 -8.70 -14.20
N HIS A 11 27.01 -9.13 -13.67
CA HIS A 11 26.68 -8.99 -12.25
C HIS A 11 25.45 -9.82 -11.91
N THR A 12 25.30 -10.07 -10.62
CA THR A 12 24.16 -10.78 -10.04
C THR A 12 23.06 -9.73 -9.78
N VAL A 13 21.89 -10.03 -10.29
CA VAL A 13 20.70 -9.15 -10.22
C VAL A 13 20.23 -9.22 -8.79
N PRO A 14 20.04 -8.09 -8.09
CA PRO A 14 19.54 -8.17 -6.72
C PRO A 14 18.18 -8.86 -6.64
N SER A 15 17.97 -9.66 -5.61
CA SER A 15 16.68 -10.30 -5.29
C SER A 15 15.62 -9.20 -5.04
N THR A 16 16.05 -8.04 -4.57
CA THR A 16 15.16 -6.92 -4.16
C THR A 16 14.83 -5.96 -5.33
N LEU A 17 15.20 -6.25 -6.56
CA LEU A 17 15.17 -5.17 -7.60
C LEU A 17 13.77 -4.57 -7.74
N TYR A 18 12.71 -5.39 -7.70
CA TYR A 18 11.33 -4.92 -7.98
C TYR A 18 10.44 -5.16 -6.77
N GLY A 19 9.74 -4.12 -6.35
CA GLY A 19 8.90 -4.22 -5.16
C GLY A 19 7.93 -3.07 -5.12
N LEU A 20 7.33 -2.92 -3.94
CA LEU A 20 6.14 -2.06 -3.74
C LEU A 20 6.49 -0.94 -2.77
N MET A 21 5.80 0.16 -2.99
CA MET A 21 5.90 1.35 -2.10
C MET A 21 4.51 1.60 -1.55
N PHE A 22 4.35 1.49 -0.24
CA PHE A 22 3.05 1.64 0.41
C PHE A 22 3.08 2.79 1.41
N GLU A 23 2.06 3.63 1.34
CA GLU A 23 1.62 4.44 2.49
C GLU A 23 0.11 4.50 2.38
N ASP A 24 -0.55 4.89 3.46
CA ASP A 24 -2.00 5.16 3.40
C ASP A 24 -2.23 6.48 2.67
N ILE A 25 -2.58 6.37 1.40
CA ILE A 25 -2.83 7.51 0.47
C ILE A 25 -3.97 7.03 -0.44
N ASN A 26 -4.93 7.87 -0.78
CA ASN A 26 -6.09 7.44 -1.61
C ASN A 26 -6.86 6.33 -0.90
N HIS A 27 -6.89 6.29 0.42
CA HIS A 27 -7.55 5.19 1.19
C HIS A 27 -6.98 3.83 0.77
N SER A 28 -5.67 3.78 0.61
CA SER A 28 -4.95 2.55 0.27
C SER A 28 -4.90 1.61 1.47
N GLY A 29 -4.96 2.14 2.68
CA GLY A 29 -4.87 1.38 3.95
C GLY A 29 -6.27 1.21 4.48
N ASP A 30 -6.70 2.13 5.28
CA ASP A 30 -8.15 2.25 5.59
C ASP A 30 -8.95 2.46 4.30
N GLY A 31 -9.93 1.62 4.03
CA GLY A 31 -10.66 1.71 2.77
C GLY A 31 -10.07 0.92 1.63
N GLY A 32 -8.92 0.26 1.84
CA GLY A 32 -8.17 -0.36 0.73
C GLY A 32 -7.65 -1.74 1.11
N LEU A 33 -6.34 -1.80 1.30
CA LEU A 33 -5.68 -3.07 1.61
C LEU A 33 -6.20 -3.59 2.94
N TYR A 34 -6.47 -2.74 3.93
CA TYR A 34 -7.00 -3.21 5.23
C TYR A 34 -8.47 -3.58 5.07
N ALA A 35 -8.88 -4.78 5.51
CA ALA A 35 -10.18 -5.36 5.09
C ALA A 35 -11.39 -4.72 5.80
N GLU A 36 -11.17 -3.91 6.82
CA GLU A 36 -12.27 -3.27 7.60
C GLU A 36 -13.25 -2.60 6.65
N LEU A 37 -14.54 -2.82 6.84
CA LEU A 37 -15.56 -2.24 5.93
C LEU A 37 -16.26 -0.98 6.45
N LEU A 38 -16.16 -0.70 7.74
CA LEU A 38 -16.83 0.50 8.31
C LEU A 38 -15.86 1.66 8.34
N GLN A 39 -16.28 2.79 7.81
CA GLN A 39 -15.46 4.02 7.83
C GLN A 39 -15.71 4.71 9.18
N ASN A 40 -14.70 5.36 9.75
CA ASN A 40 -14.87 6.07 11.05
C ASN A 40 -15.42 5.08 12.10
N ARG A 41 -14.83 3.90 12.17
CA ARG A 41 -15.44 2.79 12.92
C ARG A 41 -15.41 3.02 14.42
N ALA A 42 -14.50 3.86 14.90
CA ALA A 42 -14.29 4.07 16.34
C ALA A 42 -14.14 5.55 16.68
N PHE A 43 -14.58 6.48 15.80
CA PHE A 43 -14.67 7.92 16.12
C PHE A 43 -13.27 8.42 16.50
N GLN A 44 -12.23 7.89 15.87
CA GLN A 44 -10.85 8.30 16.22
C GLN A 44 -10.57 9.68 15.70
N GLN A 45 -9.97 10.53 16.55
CA GLN A 45 -9.35 11.81 16.15
C GLN A 45 -10.38 12.74 15.52
N VAL A 46 -11.63 12.69 16.01
CA VAL A 46 -12.68 13.65 15.59
C VAL A 46 -13.10 14.49 16.78
N THR A 47 -13.63 15.66 16.48
CA THR A 47 -14.13 16.59 17.51
C THR A 47 -15.51 16.15 17.98
N PRO A 48 -15.72 15.79 19.25
CA PRO A 48 -17.05 15.45 19.72
C PRO A 48 -18.13 16.50 19.40
N ASN A 49 -19.32 16.01 19.11
CA ASN A 49 -20.57 16.81 19.01
C ASN A 49 -20.52 17.66 17.74
N THR A 50 -19.75 17.22 16.75
CA THR A 50 -19.71 17.87 15.43
C THR A 50 -20.27 16.91 14.39
N ALA A 51 -20.63 17.46 13.25
CA ALA A 51 -21.07 16.67 12.07
C ALA A 51 -19.91 15.80 11.57
N ALA A 52 -18.67 16.29 11.57
CA ALA A 52 -17.54 15.53 11.01
C ALA A 52 -17.29 14.33 11.91
N ALA A 53 -17.58 14.44 13.20
CA ALA A 53 -17.40 13.28 14.11
C ALA A 53 -18.29 12.14 13.65
N LEU A 54 -19.44 12.44 13.06
CA LEU A 54 -20.43 11.43 12.62
C LEU A 54 -20.18 11.01 11.18
N ALA A 55 -19.05 11.39 10.59
CA ALA A 55 -18.75 11.04 9.19
C ALA A 55 -18.96 9.54 9.00
N ALA A 56 -19.72 9.21 7.94
CA ALA A 56 -20.05 7.87 7.42
C ALA A 56 -21.24 7.26 8.18
N TRP A 57 -21.69 7.90 9.24
CA TRP A 57 -22.80 7.40 10.11
C TRP A 57 -24.09 8.20 9.88
N HIS A 58 -25.21 7.49 9.87
CA HIS A 58 -26.53 8.07 9.54
C HIS A 58 -27.58 7.46 10.45
N PRO A 59 -28.55 8.26 10.91
CA PRO A 59 -29.67 7.70 11.63
C PRO A 59 -30.55 6.82 10.75
N ILE A 60 -31.15 5.83 11.38
CA ILE A 60 -32.36 5.16 10.83
C ILE A 60 -33.55 5.74 11.59
N SER A 61 -34.53 6.20 10.84
CA SER A 61 -35.78 6.75 11.42
C SER A 61 -35.43 7.93 12.35
N ASN A 62 -36.03 8.04 13.54
CA ASN A 62 -35.92 9.23 14.43
C ASN A 62 -34.78 9.04 15.45
N ALA A 63 -33.82 8.15 15.19
CA ALA A 63 -32.66 7.95 16.07
C ALA A 63 -31.96 9.29 16.24
N LYS A 64 -31.50 9.55 17.46
CA LYS A 64 -30.65 10.71 17.79
C LYS A 64 -29.21 10.20 17.96
N LEU A 65 -28.30 10.73 17.15
CA LEU A 65 -26.89 10.35 17.22
C LEU A 65 -26.05 11.55 17.63
N ALA A 66 -25.02 11.29 18.41
CA ALA A 66 -23.97 12.28 18.68
C ALA A 66 -22.71 11.53 19.03
N VAL A 67 -21.56 12.07 18.61
CA VAL A 67 -20.29 11.50 19.09
C VAL A 67 -19.86 12.27 20.30
N ILE A 68 -19.73 11.59 21.43
CA ILE A 68 -19.43 12.23 22.72
C ILE A 68 -18.01 11.86 23.16
N GLN A 69 -17.40 12.79 23.90
CA GLN A 69 -16.25 12.45 24.74
C GLN A 69 -16.81 11.68 25.92
N ASP A 70 -16.66 10.36 25.94
CA ASP A 70 -17.41 9.48 26.86
C ASP A 70 -16.85 9.66 28.26
N PRO A 71 -17.69 9.97 29.28
CA PRO A 71 -17.22 10.04 30.66
C PRO A 71 -16.57 8.72 31.11
N SER A 72 -16.95 7.59 30.53
CA SER A 72 -16.33 6.26 30.80
C SER A 72 -16.06 5.58 29.49
N PRO A 73 -14.97 5.95 28.81
CA PRO A 73 -14.72 5.49 27.45
C PRO A 73 -14.35 4.01 27.44
N VAL A 74 -14.49 3.40 26.28
CA VAL A 74 -14.23 1.95 26.10
C VAL A 74 -12.75 1.63 26.40
N SER A 75 -11.86 2.58 26.17
CA SER A 75 -10.41 2.45 26.48
CA SER A 75 -10.41 2.45 26.47
C SER A 75 -9.79 3.84 26.59
N ASN A 76 -8.53 3.89 27.07
CA ASN A 76 -7.68 5.12 27.04
C ASN A 76 -7.54 5.64 25.60
N ALA A 77 -7.36 4.75 24.64
CA ALA A 77 -7.03 5.10 23.24
C ALA A 77 -8.27 5.56 22.49
N LEU A 78 -9.46 5.22 22.98
CA LEU A 78 -10.73 5.50 22.24
C LEU A 78 -11.65 6.32 23.10
N PRO A 79 -11.37 7.63 23.25
CA PRO A 79 -12.16 8.46 24.16
C PRO A 79 -13.58 8.77 23.67
N ASN A 80 -13.88 8.54 22.40
CA ASN A 80 -15.17 8.91 21.79
C ASN A 80 -16.07 7.68 21.66
N SER A 81 -17.35 7.92 21.89
CA SER A 81 -18.44 6.94 21.77
C SER A 81 -19.55 7.54 20.90
N LEU A 82 -20.28 6.65 20.29
CA LEU A 82 -21.52 7.04 19.58
C LEU A 82 -22.63 6.91 20.60
N GLN A 83 -23.23 8.04 20.94
CA GLN A 83 -24.41 8.13 21.80
C GLN A 83 -25.66 8.00 20.92
N PHE A 84 -26.36 6.90 21.08
CA PHE A 84 -27.59 6.55 20.34
C PHE A 84 -28.77 6.69 21.31
N SER A 85 -29.72 7.50 20.94
CA SER A 85 -30.94 7.73 21.74
CA SER A 85 -30.95 7.62 21.75
C SER A 85 -32.19 7.51 20.87
N VAL A 86 -33.16 6.83 21.43
CA VAL A 86 -34.46 6.60 20.78
C VAL A 86 -35.44 7.52 21.52
N PRO A 87 -36.05 8.50 20.82
CA PRO A 87 -37.11 9.34 21.40
C PRO A 87 -38.26 8.53 22.02
N SER A 88 -38.89 9.13 23.04
CA SER A 88 -40.20 8.70 23.55
C SER A 88 -41.16 8.51 22.39
N GLY A 89 -42.02 7.51 22.47
CA GLY A 89 -43.15 7.30 21.54
C GLY A 89 -42.71 6.70 20.22
N SER A 90 -41.47 6.20 20.13
CA SER A 90 -40.92 5.61 18.91
C SER A 90 -41.55 4.25 18.65
N SER A 91 -41.40 3.78 17.43
CA SER A 91 -41.92 2.47 16.96
C SER A 91 -41.08 2.01 15.79
N GLY A 92 -41.22 0.76 15.43
CA GLY A 92 -40.60 0.19 14.24
C GLY A 92 -39.09 0.11 14.40
N ARG A 93 -38.40 0.29 13.29
CA ARG A 93 -36.96 0.03 13.20
C ARG A 93 -36.26 1.36 13.44
N VAL A 94 -35.46 1.44 14.49
CA VAL A 94 -34.71 2.67 14.85
C VAL A 94 -33.26 2.22 15.04
N GLY A 95 -32.31 3.04 14.58
CA GLY A 95 -30.92 2.62 14.63
C GLY A 95 -30.06 3.58 13.88
N PHE A 96 -29.06 3.03 13.22
CA PHE A 96 -28.12 3.84 12.43
C PHE A 96 -27.38 2.91 11.49
N THR A 97 -26.83 3.56 10.48
CA THR A 97 -26.05 2.89 9.44
C THR A 97 -24.66 3.50 9.34
N ASN A 98 -23.78 2.70 8.74
CA ASN A 98 -22.43 3.08 8.30
C ASN A 98 -22.37 2.83 6.78
N GLU A 99 -22.04 3.87 6.03
CA GLU A 99 -22.00 3.81 4.56
C GLU A 99 -20.75 3.11 4.04
N GLY A 100 -19.84 2.72 4.89
CA GLY A 100 -18.58 2.13 4.44
C GLY A 100 -17.69 3.19 3.83
N PHE A 101 -16.68 2.74 3.13
CA PHE A 101 -15.80 3.56 2.29
C PHE A 101 -16.44 3.65 0.91
N TRP A 102 -17.39 4.55 0.78
CA TRP A 102 -18.15 4.73 -0.49
C TRP A 102 -18.76 3.42 -0.93
N GLY A 103 -19.32 2.71 0.02
CA GLY A 103 -20.04 1.47 -0.27
C GLY A 103 -19.49 0.30 0.52
N ILE A 104 -20.18 -0.83 0.42
CA ILE A 104 -19.80 -2.12 1.03
C ILE A 104 -20.23 -3.19 0.05
N LYS A 105 -19.29 -4.02 -0.40
CA LYS A 105 -19.63 -5.13 -1.29
C LYS A 105 -20.34 -6.17 -0.44
N VAL A 106 -21.54 -6.54 -0.87
CA VAL A 106 -22.35 -7.53 -0.12
C VAL A 106 -22.51 -8.74 -1.03
N ASP A 107 -21.79 -9.80 -0.67
CA ASP A 107 -21.60 -11.04 -1.46
C ASP A 107 -22.09 -12.24 -0.62
N SER A 108 -23.05 -12.98 -1.16
CA SER A 108 -23.68 -14.09 -0.45
C SER A 108 -22.67 -15.23 -0.29
N THR A 109 -21.55 -15.21 -1.00
CA THR A 109 -20.51 -16.27 -0.87
C THR A 109 -19.57 -15.95 0.29
N TRP A 110 -19.73 -14.80 0.93
CA TRP A 110 -18.89 -14.39 2.09
C TRP A 110 -19.69 -14.47 3.38
N THR A 111 -19.00 -14.86 4.46
CA THR A 111 -19.46 -14.64 5.83
C THR A 111 -18.76 -13.39 6.33
N TYR A 112 -19.51 -12.49 6.95
CA TYR A 112 -18.92 -11.26 7.51
C TYR A 112 -18.90 -11.40 9.01
N LYS A 113 -17.94 -10.74 9.65
CA LYS A 113 -17.84 -10.71 11.12
C LYS A 113 -18.12 -9.27 11.56
N ALA A 114 -19.26 -9.07 12.20
CA ALA A 114 -19.68 -7.77 12.80
C ALA A 114 -19.34 -7.78 14.28
N SER A 115 -18.85 -6.67 14.77
CA SER A 115 -18.62 -6.49 16.22
C SER A 115 -18.77 -5.02 16.60
N LEU A 116 -19.06 -4.83 17.86
CA LEU A 116 -19.18 -3.50 18.47
C LEU A 116 -19.10 -3.64 19.96
N PHE A 117 -18.80 -2.53 20.62
CA PHE A 117 -18.92 -2.45 22.07
C PHE A 117 -20.08 -1.53 22.42
N PHE A 118 -20.82 -1.87 23.46
CA PHE A 118 -21.95 -1.06 23.95
C PHE A 118 -21.94 -1.08 25.46
N ARG A 119 -22.58 -0.05 26.00
CA ARG A 119 -23.08 -0.08 27.38
C ARG A 119 -24.25 0.88 27.45
N PHE A 120 -25.13 0.63 28.40
CA PHE A 120 -26.16 1.61 28.79
C PHE A 120 -25.53 2.53 29.82
N PRO A 121 -25.38 3.84 29.51
CA PRO A 121 -24.73 4.77 30.44
C PRO A 121 -25.52 4.91 31.76
N THR A 122 -26.81 4.63 31.72
CA THR A 122 -27.74 4.66 32.86
C THR A 122 -28.55 3.37 32.81
N SER A 123 -28.44 2.57 33.88
CA SER A 123 -29.12 1.26 33.98
C SER A 123 -30.61 1.47 33.70
N SER A 124 -31.22 0.55 32.96
CA SER A 124 -32.65 0.63 32.61
C SER A 124 -33.23 -0.77 32.56
N SER A 125 -34.55 -0.88 32.46
CA SER A 125 -35.25 -2.18 32.37
C SER A 125 -35.36 -2.60 30.90
N PHE A 126 -34.65 -1.96 29.98
CA PHE A 126 -34.73 -2.41 28.57
C PHE A 126 -34.43 -3.91 28.47
N SER A 127 -35.19 -4.57 27.63
CA SER A 127 -34.95 -5.98 27.28
C SER A 127 -35.38 -6.13 25.83
N GLY A 128 -34.47 -6.53 24.96
CA GLY A 128 -34.84 -6.70 23.56
C GLY A 128 -33.65 -7.13 22.75
N ALA A 129 -33.88 -7.36 21.46
CA ALA A 129 -32.84 -7.75 20.50
C ALA A 129 -32.15 -6.50 19.98
N LEU A 130 -30.83 -6.58 19.88
CA LEU A 130 -29.97 -5.66 19.11
C LEU A 130 -29.70 -6.43 17.81
N THR A 131 -30.07 -5.83 16.67
CA THR A 131 -29.93 -6.44 15.35
C THR A 131 -28.84 -5.68 14.59
N VAL A 132 -27.92 -6.40 13.98
CA VAL A 132 -26.94 -5.81 13.02
C VAL A 132 -27.16 -6.46 11.67
N GLY A 133 -26.69 -5.79 10.64
CA GLY A 133 -26.78 -6.38 9.32
C GLY A 133 -26.25 -5.50 8.23
N LEU A 134 -26.63 -5.92 7.04
CA LEU A 134 -26.29 -5.23 5.80
C LEU A 134 -27.60 -4.94 5.08
N GLN A 135 -27.74 -3.73 4.58
CA GLN A 135 -28.91 -3.37 3.75
C GLN A 135 -28.41 -2.68 2.52
N THR A 136 -29.20 -2.72 1.48
CA THR A 136 -29.01 -1.79 0.36
C THR A 136 -29.36 -0.39 0.84
N ASN A 137 -28.87 0.62 0.13
CA ASN A 137 -29.10 2.01 0.55
C ASN A 137 -30.59 2.36 0.33
N ALA A 138 -31.41 1.48 -0.25
CA ALA A 138 -32.91 1.63 -0.21
C ALA A 138 -33.50 1.11 1.11
N GLY A 139 -32.74 0.43 1.95
CA GLY A 139 -33.25 -0.13 3.21
C GLY A 139 -33.63 -1.60 3.08
N ARG A 140 -33.49 -2.19 1.87
CA ARG A 140 -33.65 -3.66 1.59
C ARG A 140 -32.61 -4.45 2.37
N VAL A 141 -33.04 -5.16 3.40
CA VAL A 141 -32.13 -5.94 4.28
C VAL A 141 -31.62 -7.17 3.49
N LEU A 142 -30.32 -7.32 3.43
CA LEU A 142 -29.65 -8.43 2.72
C LEU A 142 -29.01 -9.41 3.72
N ALA A 143 -28.64 -8.98 4.91
CA ALA A 143 -28.10 -9.87 5.95
C ALA A 143 -28.49 -9.31 7.31
N GLN A 144 -28.75 -10.18 8.28
CA GLN A 144 -29.09 -9.75 9.63
C GLN A 144 -28.81 -10.86 10.63
N ASN A 145 -28.53 -10.40 11.82
CA ASN A 145 -28.29 -11.26 12.98
C ASN A 145 -28.57 -10.40 14.21
N SER A 146 -29.01 -11.04 15.26
CA SER A 146 -29.40 -10.31 16.46
C SER A 146 -28.94 -11.07 17.69
N THR A 147 -28.91 -10.34 18.79
CA THR A 147 -28.62 -10.91 20.11
C THR A 147 -29.39 -10.11 21.14
N GLN A 148 -29.72 -10.76 22.25
CA GLN A 148 -30.48 -10.13 23.35
C GLN A 148 -29.55 -9.24 24.16
N ILE A 149 -29.98 -8.02 24.44
CA ILE A 149 -29.26 -7.12 25.36
C ILE A 149 -30.22 -6.61 26.41
N ARG A 150 -29.65 -6.09 27.48
CA ARG A 150 -30.41 -5.68 28.68
C ARG A 150 -29.89 -4.35 29.12
N GLY A 151 -30.81 -3.46 29.49
CA GLY A 151 -30.52 -2.12 30.04
C GLY A 151 -29.69 -2.18 31.32
N THR A 152 -29.63 -3.30 32.01
CA THR A 152 -28.82 -3.45 33.24
C THR A 152 -27.34 -3.65 32.90
N THR A 153 -26.98 -3.77 31.62
CA THR A 153 -25.56 -3.87 31.15
C THR A 153 -24.95 -2.47 31.04
N THR A 154 -24.34 -2.02 32.12
CA THR A 154 -23.76 -0.68 32.26
C THR A 154 -22.26 -0.75 32.07
N LYS A 155 -21.69 -1.95 32.00
CA LYS A 155 -20.23 -2.11 31.72
C LYS A 155 -20.04 -2.38 30.22
N TRP A 156 -18.99 -1.82 29.63
CA TRP A 156 -18.66 -2.08 28.21
C TRP A 156 -18.69 -3.58 27.90
N THR A 157 -19.40 -3.95 26.85
CA THR A 157 -19.68 -5.35 26.48
C THR A 157 -19.54 -5.48 24.97
N GLN A 158 -18.76 -6.44 24.50
CA GLN A 158 -18.60 -6.65 23.05
C GLN A 158 -19.68 -7.59 22.55
N ILE A 159 -20.22 -7.26 21.38
N ILE A 159 -20.29 -7.23 21.42
CA ILE A 159 -21.15 -8.14 20.61
CA ILE A 159 -21.16 -8.10 20.59
C ILE A 159 -20.39 -8.61 19.37
C ILE A 159 -20.31 -8.62 19.44
N ASN A 160 -20.43 -9.91 19.11
CA ASN A 160 -19.75 -10.53 17.96
C ASN A 160 -20.82 -11.34 17.22
N LEU A 161 -21.17 -10.95 16.00
CA LEU A 161 -22.22 -11.65 15.22
C LEU A 161 -21.73 -11.82 13.80
N GLU A 162 -21.93 -13.02 13.24
CA GLU A 162 -21.64 -13.26 11.83
C GLU A 162 -22.83 -12.81 11.00
N LEU A 163 -22.57 -12.44 9.76
CA LEU A 163 -23.65 -12.05 8.82
C LEU A 163 -23.53 -12.88 7.57
N HIS A 164 -24.69 -13.42 7.15
CA HIS A 164 -24.80 -14.22 5.93
C HIS A 164 -25.82 -13.58 5.02
N PRO A 165 -25.39 -12.90 3.94
CA PRO A 165 -26.37 -12.31 3.04
C PRO A 165 -27.26 -13.38 2.39
N THR A 166 -28.54 -13.07 2.25
CA THR A 166 -29.48 -13.94 1.51
C THR A 166 -29.32 -13.75 0.01
N ALA A 167 -28.69 -12.66 -0.39
CA ALA A 167 -28.45 -12.37 -1.81
C ALA A 167 -27.26 -11.42 -1.90
N SER A 168 -26.45 -11.57 -2.96
CA SER A 168 -25.44 -10.57 -3.37
C SER A 168 -26.17 -9.33 -3.85
N ALA A 169 -25.69 -8.16 -3.51
CA ALA A 169 -26.23 -6.86 -3.95
C ALA A 169 -25.83 -6.65 -5.40
N PRO A 170 -26.66 -5.92 -6.15
CA PRO A 170 -26.38 -5.65 -7.55
C PRO A 170 -25.27 -4.60 -7.71
N ASP A 171 -24.98 -3.86 -6.64
CA ASP A 171 -23.89 -2.84 -6.68
C ASP A 171 -23.35 -2.71 -5.26
N VAL A 172 -22.45 -1.77 -5.01
CA VAL A 172 -21.80 -1.63 -3.68
C VAL A 172 -22.53 -0.57 -2.84
N SER A 173 -23.66 -0.02 -3.30
CA SER A 173 -24.39 1.04 -2.54
CA SER A 173 -24.39 1.04 -2.56
C SER A 173 -25.21 0.39 -1.42
N ASN A 174 -24.51 -0.08 -0.37
CA ASN A 174 -25.04 -0.86 0.75
C ASN A 174 -24.41 -0.30 2.01
N SER A 175 -25.05 -0.53 3.12
CA SER A 175 -24.62 -0.02 4.44
C SER A 175 -24.75 -1.12 5.46
N PHE A 176 -23.94 -0.96 6.48
CA PHE A 176 -24.03 -1.73 7.72
C PHE A 176 -25.09 -1.04 8.55
N PHE A 177 -25.85 -1.82 9.31
CA PHE A 177 -26.84 -1.23 10.23
C PHE A 177 -26.82 -1.91 11.58
N VAL A 178 -27.28 -1.10 12.53
CA VAL A 178 -27.59 -1.54 13.91
C VAL A 178 -28.98 -1.01 14.20
N THR A 179 -29.86 -1.85 14.67
CA THR A 179 -31.24 -1.40 14.96
C THR A 179 -31.72 -2.06 16.25
N ILE A 180 -32.67 -1.40 16.90
CA ILE A 180 -33.46 -1.99 18.00
C ILE A 180 -34.91 -1.67 17.68
N ASP A 181 -35.81 -2.36 18.36
CA ASP A 181 -37.26 -2.12 18.19
C ASP A 181 -37.55 -0.74 18.80
N GLY A 182 -38.18 0.15 18.05
CA GLY A 182 -38.40 1.53 18.52
C GLY A 182 -39.36 1.61 19.72
N ALA A 183 -40.38 0.75 19.76
CA ALA A 183 -41.32 0.72 20.91
C ALA A 183 -40.58 0.20 22.15
N ALA A 184 -39.93 -0.97 22.06
CA ALA A 184 -39.16 -1.53 23.18
C ALA A 184 -38.08 -0.54 23.60
N GLY A 185 -37.49 0.18 22.63
CA GLY A 185 -36.34 1.06 22.87
C GLY A 185 -36.68 2.49 23.19
N ALA A 186 -37.97 2.86 23.24
CA ALA A 186 -38.35 4.28 23.38
C ALA A 186 -37.73 4.82 24.66
N GLY A 187 -37.10 5.99 24.58
CA GLY A 187 -36.49 6.69 25.73
C GLY A 187 -35.18 6.10 26.19
N GLN A 188 -34.64 5.07 25.52
CA GLN A 188 -33.34 4.46 25.91
C GLN A 188 -32.18 5.21 25.25
N THR A 189 -31.04 5.23 25.93
CA THR A 189 -29.76 5.70 25.39
C THR A 189 -28.76 4.57 25.52
N ILE A 190 -28.03 4.32 24.45
CA ILE A 190 -26.93 3.33 24.48
C ILE A 190 -25.70 4.04 23.94
N ASN A 191 -24.55 3.80 24.54
CA ASN A 191 -23.25 4.31 24.04
C ASN A 191 -22.59 3.14 23.32
N PHE A 192 -22.06 3.39 22.14
CA PHE A 192 -21.34 2.38 21.35
C PHE A 192 -19.92 2.87 21.10
N ALA A 193 -19.00 1.92 20.94
CA ALA A 193 -17.61 2.25 20.57
C ALA A 193 -17.03 1.09 19.76
N MET A 194 -15.98 1.37 19.01
CA MET A 194 -15.10 0.35 18.40
C MET A 194 -15.95 -0.65 17.62
N PHE A 195 -16.63 -0.15 16.59
CA PHE A 195 -17.37 -0.99 15.64
C PHE A 195 -16.37 -1.67 14.72
N SER A 196 -16.79 -2.76 14.13
CA SER A 196 -15.99 -3.43 13.08
C SER A 196 -16.89 -4.35 12.25
N LEU A 197 -16.65 -4.33 10.96
CA LEU A 197 -17.19 -5.33 10.01
C LEU A 197 -16.09 -5.79 9.08
N PHE A 198 -15.79 -7.08 9.14
CA PHE A 198 -14.79 -7.71 8.27
C PHE A 198 -15.45 -8.71 7.33
N PRO A 199 -15.00 -8.71 6.07
CA PRO A 199 -15.27 -9.82 5.18
C PRO A 199 -14.23 -10.91 5.45
N PRO A 200 -14.27 -12.03 4.71
CA PRO A 200 -13.16 -12.98 4.77
C PRO A 200 -11.90 -12.23 4.33
N THR A 201 -10.78 -12.58 4.94
CA THR A 201 -9.52 -11.84 4.72
C THR A 201 -8.52 -12.68 3.94
N PHE A 202 -7.53 -12.01 3.41
CA PHE A 202 -6.39 -12.68 2.76
C PHE A 202 -5.74 -13.62 3.78
N LYS A 203 -5.62 -14.90 3.41
CA LYS A 203 -5.04 -15.98 4.25
C LYS A 203 -5.80 -16.14 5.57
N ASN A 204 -7.06 -15.67 5.63
CA ASN A 204 -7.90 -15.79 6.84
C ASN A 204 -7.17 -15.19 8.04
N ARG A 205 -6.39 -14.13 7.83
CA ARG A 205 -5.71 -13.45 8.96
C ARG A 205 -6.77 -12.69 9.74
N PRO A 206 -6.63 -12.89 11.07
N PRO A 206 -7.05 -12.81 11.06
CA PRO A 206 -7.22 -12.00 12.06
CA PRO A 206 -8.25 -12.17 11.65
C PRO A 206 -6.69 -10.59 11.76
C PRO A 206 -8.50 -10.63 11.55
N ASN A 207 -7.66 -9.67 11.66
N ASN A 207 -7.40 -9.87 11.63
CA ASN A 207 -7.39 -8.23 11.43
CA ASN A 207 -7.35 -8.40 11.45
C ASN A 207 -6.62 -8.10 10.12
C ASN A 207 -6.65 -8.10 10.13
N GLY A 208 -7.00 -8.87 9.09
CA GLY A 208 -6.22 -8.93 7.87
C GLY A 208 -6.70 -8.05 6.75
N LEU A 209 -6.33 -8.46 5.56
CA LEU A 209 -6.33 -7.59 4.39
C LEU A 209 -7.42 -8.02 3.42
N ARG A 210 -7.80 -7.09 2.56
CA ARG A 210 -8.87 -7.31 1.57
C ARG A 210 -8.30 -8.22 0.46
N ALA A 211 -8.98 -9.32 0.16
CA ALA A 211 -8.40 -10.43 -0.64
C ALA A 211 -8.02 -9.98 -2.03
N ASP A 212 -8.96 -9.37 -2.77
CA ASP A 212 -8.67 -9.05 -4.20
C ASP A 212 -7.44 -8.14 -4.26
N ILE A 213 -7.35 -7.15 -3.42
CA ILE A 213 -6.20 -6.21 -3.46
C ILE A 213 -4.94 -6.97 -3.06
N ALA A 214 -4.96 -7.69 -1.94
CA ALA A 214 -3.77 -8.43 -1.48
C ALA A 214 -3.31 -9.36 -2.60
N GLU A 215 -4.23 -10.14 -3.20
CA GLU A 215 -3.87 -11.08 -4.29
C GLU A 215 -3.26 -10.31 -5.47
N THR A 216 -3.76 -9.11 -5.76
CA THR A 216 -3.26 -8.29 -6.90
C THR A 216 -1.80 -7.91 -6.57
N LEU A 217 -1.52 -7.51 -5.35
CA LEU A 217 -0.13 -7.17 -4.97
C LEU A 217 0.76 -8.41 -5.03
N ALA A 218 0.27 -9.56 -4.59
CA ALA A 218 1.09 -10.79 -4.62
C ALA A 218 1.33 -11.21 -6.08
N GLU A 219 0.37 -10.93 -6.96
CA GLU A 219 0.37 -11.33 -8.39
C GLU A 219 1.61 -10.73 -9.08
N MET A 220 2.00 -9.53 -8.63
N MET A 220 2.02 -9.55 -8.61
CA MET A 220 3.07 -8.73 -9.29
CA MET A 220 3.05 -8.76 -9.32
C MET A 220 4.44 -9.37 -9.08
C MET A 220 4.45 -9.26 -8.97
N GLY A 221 4.56 -10.25 -8.09
CA GLY A 221 5.82 -10.90 -7.70
C GLY A 221 6.80 -9.91 -7.05
N PRO A 222 6.33 -9.01 -6.15
CA PRO A 222 7.24 -8.06 -5.52
C PRO A 222 8.19 -8.76 -4.57
N SER A 223 9.36 -8.18 -4.38
CA SER A 223 10.41 -8.71 -3.47
CA SER A 223 10.33 -8.77 -3.42
C SER A 223 10.49 -7.92 -2.18
N PHE A 224 9.93 -6.71 -2.16
CA PHE A 224 10.01 -5.88 -0.97
C PHE A 224 8.76 -5.01 -0.89
N PHE A 225 8.59 -4.47 0.27
CA PHE A 225 7.49 -3.56 0.60
C PHE A 225 8.04 -2.43 1.44
N ARG A 226 8.11 -1.26 0.84
CA ARG A 226 8.58 -0.02 1.53
C ARG A 226 7.37 0.58 2.24
N PHE A 227 7.52 0.89 3.52
CA PHE A 227 6.38 1.35 4.34
C PHE A 227 6.96 1.97 5.61
N PRO A 228 6.16 2.69 6.43
CA PRO A 228 4.78 3.09 6.12
C PRO A 228 4.62 4.41 5.36
N GLY A 229 5.70 4.99 4.86
CA GLY A 229 5.62 6.09 3.89
C GLY A 229 7.02 6.59 3.57
N GLY A 230 7.13 7.53 2.62
CA GLY A 230 6.02 8.33 2.18
C GLY A 230 5.65 9.44 3.15
N ASN A 231 4.92 10.42 2.66
CA ASN A 231 4.44 11.55 3.47
C ASN A 231 3.67 11.08 4.70
N ASN A 232 2.92 9.98 4.60
CA ASN A 232 2.09 9.49 5.73
C ASN A 232 2.95 9.09 6.94
N LEU A 233 4.26 8.93 6.77
CA LEU A 233 5.17 8.66 7.92
C LEU A 233 5.29 9.94 8.75
N GLU A 234 5.31 11.07 8.06
CA GLU A 234 5.89 12.31 8.62
C GLU A 234 4.95 13.00 9.61
N GLY A 235 3.66 12.98 9.40
CA GLY A 235 2.75 13.85 10.15
C GLY A 235 2.81 15.28 9.68
N GLN A 236 1.85 16.08 10.13
CA GLN A 236 1.85 17.55 9.86
CA GLN A 236 1.79 17.55 9.90
C GLN A 236 2.61 18.24 11.00
N THR A 237 2.75 17.57 12.13
CA THR A 237 3.43 18.08 13.33
C THR A 237 4.12 16.89 13.98
N THR A 238 5.04 17.16 14.90
CA THR A 238 5.71 16.07 15.63
C THR A 238 4.61 15.17 16.18
N ALA A 239 3.60 15.77 16.81
CA ALA A 239 2.61 15.02 17.60
C ALA A 239 1.75 14.13 16.68
N THR A 240 1.66 14.43 15.38
CA THR A 240 0.80 13.69 14.44
C THR A 240 1.61 12.73 13.55
N ARG A 241 2.90 12.55 13.84
CA ARG A 241 3.74 11.60 13.09
C ARG A 241 3.24 10.18 13.28
N TRP A 242 3.61 9.31 12.37
CA TRP A 242 3.33 7.86 12.52
C TRP A 242 4.15 7.39 13.71
N GLN A 243 3.55 6.62 14.63
CA GLN A 243 4.27 5.99 15.76
C GLN A 243 3.97 4.50 15.79
N TRP A 244 5.01 3.69 15.77
CA TRP A 244 4.84 2.23 15.62
C TRP A 244 4.00 1.69 16.77
N ASN A 245 4.23 2.18 17.96
CA ASN A 245 3.71 1.50 19.15
C ASN A 245 2.21 1.76 19.25
N ALA A 246 1.73 2.80 18.58
CA ALA A 246 0.28 3.15 18.59
C ALA A 246 -0.47 2.25 17.60
N THR A 247 0.28 1.46 16.81
CA THR A 247 -0.29 0.62 15.73
C THR A 247 -0.24 -0.85 16.08
N VAL A 248 0.16 -1.18 17.31
CA VAL A 248 0.24 -2.62 17.71
CA VAL A 248 0.31 -2.59 17.76
C VAL A 248 -0.66 -2.86 18.91
N GLY A 249 -1.04 -4.10 19.06
CA GLY A 249 -1.87 -4.56 20.19
C GLY A 249 -3.33 -4.56 19.79
N SER A 250 -4.18 -4.79 20.79
CA SER A 250 -5.66 -4.77 20.62
C SER A 250 -6.10 -3.54 19.84
N LEU A 251 -7.13 -3.68 19.03
CA LEU A 251 -7.74 -2.50 18.36
C LEU A 251 -8.23 -1.49 19.40
N LEU A 252 -8.68 -1.94 20.58
CA LEU A 252 -9.12 -1.00 21.65
C LEU A 252 -7.98 -0.05 22.03
N ASP A 253 -6.74 -0.41 21.80
CA ASP A 253 -5.60 0.37 22.34
C ASP A 253 -4.86 1.11 21.24
N ARG A 254 -5.45 1.19 20.06
CA ARG A 254 -4.86 1.98 18.95
C ARG A 254 -5.61 3.29 18.78
N PRO A 255 -4.99 4.42 19.11
CA PRO A 255 -5.72 5.69 19.11
C PRO A 255 -6.00 6.27 17.74
N GLY A 256 -5.31 5.78 16.70
CA GLY A 256 -5.41 6.34 15.35
C GLY A 256 -4.67 7.66 15.30
N ARG A 257 -4.61 8.24 14.11
CA ARG A 257 -3.89 9.53 13.96
C ARG A 257 -4.49 10.17 12.72
N VAL A 258 -4.46 11.49 12.70
CA VAL A 258 -4.68 12.24 11.44
C VAL A 258 -3.49 12.00 10.51
N GLY A 259 -3.76 11.41 9.36
CA GLY A 259 -2.72 11.12 8.38
C GLY A 259 -2.38 12.37 7.60
N ASP A 260 -1.63 12.19 6.55
CA ASP A 260 -1.05 13.32 5.76
C ASP A 260 -1.80 13.49 4.45
N TRP A 261 -2.99 12.90 4.32
CA TRP A 261 -3.76 12.96 3.05
C TRP A 261 -5.22 13.32 3.28
N GLY A 262 -5.50 14.00 4.41
CA GLY A 262 -6.80 14.64 4.65
C GLY A 262 -7.74 13.75 5.45
N TYR A 263 -7.32 12.54 5.82
CA TYR A 263 -8.23 11.65 6.58
C TYR A 263 -7.52 11.03 7.77
N VAL A 264 -8.37 10.61 8.70
CA VAL A 264 -7.94 9.85 9.91
C VAL A 264 -7.54 8.44 9.49
N ASN A 265 -6.46 7.96 10.09
CA ASN A 265 -5.99 6.57 10.00
C ASN A 265 -6.39 5.87 11.29
N THR A 266 -7.04 4.73 11.16
CA THR A 266 -7.38 3.90 12.34
C THR A 266 -6.12 3.30 12.98
N ASP A 267 -5.07 3.10 12.21
CA ASP A 267 -3.89 2.27 12.52
C ASP A 267 -4.30 0.82 12.80
N GLY A 268 -5.42 0.37 12.26
CA GLY A 268 -5.79 -1.06 12.25
C GLY A 268 -4.87 -1.86 11.34
N LEU A 269 -4.38 -1.21 10.28
CA LEU A 269 -3.27 -1.74 9.46
C LEU A 269 -2.01 -1.23 10.14
N GLY A 270 -1.48 -2.02 11.09
CA GLY A 270 -0.37 -1.58 11.96
C GLY A 270 0.85 -2.45 11.70
N LEU A 271 1.88 -2.25 12.51
CA LEU A 271 3.19 -2.83 12.19
C LEU A 271 3.07 -4.35 12.08
N LEU A 272 2.40 -5.02 13.01
CA LEU A 272 2.34 -6.50 12.96
C LEU A 272 1.56 -6.96 11.73
N GLU A 273 0.46 -6.27 11.33
CA GLU A 273 -0.29 -6.69 10.13
C GLU A 273 0.61 -6.53 8.89
N TYR A 274 1.40 -5.47 8.82
CA TYR A 274 2.36 -5.29 7.70
C TYR A 274 3.31 -6.47 7.67
N LEU A 275 3.89 -6.81 8.82
CA LEU A 275 4.94 -7.87 8.86
C LEU A 275 4.32 -9.21 8.48
N GLN A 276 3.09 -9.46 8.92
CA GLN A 276 2.35 -10.70 8.61
C GLN A 276 2.14 -10.77 7.10
N PHE A 277 1.76 -9.66 6.48
CA PHE A 277 1.58 -9.64 5.03
C PHE A 277 2.87 -10.07 4.35
N PHE A 278 3.99 -9.55 4.81
CA PHE A 278 5.30 -9.86 4.21
C PHE A 278 5.55 -11.37 4.33
N GLU A 279 5.31 -11.95 5.50
CA GLU A 279 5.43 -13.42 5.73
C GLU A 279 4.54 -14.15 4.72
N ASP A 280 3.32 -13.65 4.48
CA ASP A 280 2.32 -14.31 3.61
C ASP A 280 2.70 -14.19 2.12
N THR A 281 3.55 -13.26 1.73
CA THR A 281 3.82 -12.98 0.31
C THR A 281 5.29 -13.22 -0.05
N GLY A 282 6.16 -13.43 0.92
CA GLY A 282 7.61 -13.61 0.69
C GLY A 282 8.31 -12.30 0.34
N MET A 283 7.71 -11.18 0.69
CA MET A 283 8.34 -9.85 0.58
C MET A 283 9.17 -9.63 1.83
N GLU A 284 10.21 -8.83 1.70
CA GLU A 284 10.96 -8.27 2.83
C GLU A 284 10.70 -6.76 2.92
N PRO A 285 10.72 -6.26 4.16
CA PRO A 285 10.43 -4.84 4.37
C PRO A 285 11.60 -3.93 4.02
N ILE A 286 11.27 -2.78 3.47
CA ILE A 286 12.11 -1.57 3.56
C ILE A 286 11.35 -0.66 4.49
N MET A 287 11.80 -0.55 5.72
CA MET A 287 10.97 0.09 6.77
C MET A 287 11.55 1.47 7.07
N ALA A 288 10.69 2.46 6.96
CA ALA A 288 11.05 3.84 7.28
C ALA A 288 10.88 4.07 8.78
N VAL A 289 11.74 4.91 9.29
CA VAL A 289 11.59 5.52 10.64
C VAL A 289 11.53 7.04 10.51
N TRP A 290 10.70 7.61 11.35
CA TRP A 290 10.48 9.06 11.46
C TRP A 290 11.81 9.66 11.90
N ALA A 291 12.20 10.78 11.33
CA ALA A 291 13.57 11.30 11.49
C ALA A 291 13.61 12.75 11.94
N GLY A 292 12.60 13.24 12.65
CA GLY A 292 12.64 14.57 13.27
C GLY A 292 12.18 15.68 12.35
N TYR A 293 11.40 15.35 11.32
CA TYR A 293 10.75 16.40 10.50
C TYR A 293 9.29 16.00 10.27
N SER A 294 8.42 17.01 10.22
CA SER A 294 6.99 16.84 9.85
C SER A 294 6.63 17.89 8.82
N LEU A 295 5.52 17.64 8.11
CA LEU A 295 5.25 18.30 6.82
C LEU A 295 4.82 19.74 7.05
N GLY A 296 4.47 20.13 8.26
CA GLY A 296 4.26 21.55 8.58
C GLY A 296 5.56 22.35 8.52
N GLY A 297 6.71 21.72 8.33
CA GLY A 297 8.00 22.42 8.18
C GLY A 297 8.87 22.36 9.42
N THR A 298 8.41 21.89 10.54
CA THR A 298 9.19 21.87 11.81
C THR A 298 10.24 20.75 11.76
N SER A 299 11.52 21.10 11.88
CA SER A 299 12.59 20.13 12.18
C SER A 299 12.79 20.13 13.69
N LEU A 300 12.99 18.96 14.28
CA LEU A 300 13.51 18.94 15.66
C LEU A 300 14.93 19.51 15.64
N ALA A 301 15.25 20.28 16.66
CA ALA A 301 16.65 20.71 16.90
C ALA A 301 17.48 19.48 17.24
N GLU A 302 18.77 19.60 16.97
CA GLU A 302 19.73 18.53 17.24
C GLU A 302 19.57 18.07 18.69
N ASN A 303 19.35 18.98 19.65
CA ASN A 303 19.28 18.61 21.10
C ASN A 303 17.90 18.06 21.49
N GLN A 304 16.97 17.84 20.55
CA GLN A 304 15.62 17.29 20.84
C GLN A 304 15.51 15.85 20.32
N LEU A 305 16.50 15.34 19.57
CA LEU A 305 16.32 14.06 18.82
C LEU A 305 16.26 12.81 19.71
N ALA A 306 16.89 12.81 20.89
CA ALA A 306 17.19 11.52 21.60
C ALA A 306 15.94 10.67 21.80
N PRO A 307 14.78 11.17 22.28
CA PRO A 307 13.62 10.31 22.51
C PRO A 307 13.09 9.69 21.21
N TYR A 308 13.26 10.39 20.08
CA TYR A 308 12.77 9.97 18.75
C TYR A 308 13.69 8.91 18.19
N ILE A 309 14.98 9.05 18.49
CA ILE A 309 15.96 8.02 18.09
C ILE A 309 15.62 6.76 18.86
N GLN A 310 15.37 6.86 20.15
CA GLN A 310 15.05 5.66 20.94
C GLN A 310 13.77 5.02 20.38
N GLN A 311 12.82 5.83 19.95
CA GLN A 311 11.55 5.27 19.45
C GLN A 311 11.83 4.50 18.17
N ALA A 312 12.75 4.98 17.31
CA ALA A 312 13.14 4.28 16.09
C ALA A 312 13.83 2.95 16.45
N ILE A 313 14.66 2.98 17.47
CA ILE A 313 15.29 1.72 17.98
C ILE A 313 14.18 0.77 18.45
N ASP A 314 13.20 1.29 19.20
CA ASP A 314 12.07 0.47 19.71
C ASP A 314 11.37 -0.20 18.50
N GLN A 315 11.11 0.58 17.46
CA GLN A 315 10.36 0.12 16.29
C GLN A 315 11.13 -1.05 15.65
N ILE A 316 12.45 -0.90 15.53
CA ILE A 316 13.25 -1.95 14.86
C ILE A 316 13.30 -3.16 15.78
N ASN A 317 13.45 -2.94 17.07
CA ASN A 317 13.47 -4.05 18.06
C ASN A 317 12.16 -4.85 18.00
N PHE A 318 11.01 -4.19 17.82
CA PHE A 318 9.74 -4.94 17.67
C PHE A 318 9.89 -5.94 16.51
N VAL A 319 10.48 -5.51 15.40
CA VAL A 319 10.60 -6.35 14.19
C VAL A 319 11.59 -7.49 14.44
N ILE A 320 12.79 -7.20 14.96
CA ILE A 320 13.96 -8.14 14.82
C ILE A 320 14.58 -8.50 16.19
N GLY A 321 14.24 -7.80 17.24
CA GLY A 321 14.93 -7.98 18.54
C GLY A 321 14.66 -9.34 19.16
N ASP A 322 15.62 -9.80 19.93
CA ASP A 322 15.46 -10.93 20.87
C ASP A 322 14.44 -10.55 21.95
N PRO A 323 13.33 -11.30 22.14
CA PRO A 323 12.32 -10.92 23.11
C PRO A 323 12.82 -10.83 24.56
N ALA A 324 13.93 -11.49 24.90
CA ALA A 324 14.50 -11.44 26.27
C ALA A 324 15.25 -10.12 26.49
N LYS A 325 15.56 -9.37 25.43
CA LYS A 325 16.51 -8.20 25.49
C LYS A 325 15.79 -6.86 25.36
N SER A 326 14.54 -6.79 24.94
CA SER A 326 13.82 -5.48 24.94
C SER A 326 12.33 -5.67 25.10
N ALA A 327 11.67 -4.65 25.60
CA ALA A 327 10.20 -4.57 25.77
C ALA A 327 9.53 -4.64 24.41
N PRO A 328 9.97 -3.95 23.32
CA PRO A 328 9.27 -4.11 22.04
C PRO A 328 9.36 -5.53 21.49
N ALA A 329 10.51 -6.19 21.65
CA ALA A 329 10.70 -7.55 21.10
C ALA A 329 9.84 -8.53 21.91
N ALA A 330 9.75 -8.32 23.20
CA ALA A 330 8.89 -9.11 24.14
C ALA A 330 7.41 -8.91 23.73
N LEU A 331 7.07 -7.72 23.22
CA LEU A 331 5.68 -7.40 22.80
C LEU A 331 5.40 -8.18 21.54
N ARG A 332 6.33 -8.22 20.58
CA ARG A 332 6.18 -9.04 19.38
C ARG A 332 5.92 -10.51 19.82
N ALA A 333 6.72 -11.02 20.74
CA ALA A 333 6.54 -12.40 21.25
C ALA A 333 5.11 -12.54 21.78
N SER A 334 4.65 -11.57 22.58
CA SER A 334 3.38 -11.64 23.33
C SER A 334 2.22 -11.63 22.33
N LEU A 335 2.44 -11.12 21.13
CA LEU A 335 1.37 -10.98 20.11
C LEU A 335 1.42 -12.19 19.19
N GLY A 336 2.20 -13.20 19.59
CA GLY A 336 2.19 -14.53 18.95
C GLY A 336 3.30 -14.73 17.95
N HIS A 337 4.33 -13.86 17.91
CA HIS A 337 5.44 -14.00 16.94
C HIS A 337 6.76 -13.89 17.67
N PRO A 338 7.13 -14.89 18.52
CA PRO A 338 8.45 -14.90 19.15
C PRO A 338 9.65 -14.81 18.20
N GLU A 339 9.58 -15.45 17.04
CA GLU A 339 10.68 -15.46 16.04
C GLU A 339 10.78 -14.04 15.47
N PRO A 340 12.01 -13.51 15.29
CA PRO A 340 12.15 -12.22 14.64
C PRO A 340 11.72 -12.33 13.19
N PHE A 341 11.21 -11.22 12.66
CA PHE A 341 11.03 -11.04 11.21
C PHE A 341 12.36 -10.58 10.63
N THR A 342 12.46 -10.72 9.32
CA THR A 342 13.55 -10.24 8.44
C THR A 342 13.45 -8.71 8.37
N LEU A 343 14.57 -8.04 8.50
CA LEU A 343 14.65 -6.60 8.16
C LEU A 343 16.10 -6.27 7.86
N ARG A 344 16.36 -5.87 6.63
CA ARG A 344 17.72 -5.64 6.11
C ARG A 344 17.93 -4.16 5.82
N PHE A 345 16.84 -3.41 5.69
CA PHE A 345 16.86 -2.04 5.13
C PHE A 345 15.92 -1.15 5.91
N VAL A 346 16.46 -0.05 6.42
CA VAL A 346 15.68 1.00 7.11
C VAL A 346 15.95 2.33 6.41
N GLU A 347 14.86 3.04 6.15
CA GLU A 347 14.93 4.36 5.51
C GLU A 347 14.79 5.41 6.62
N VAL A 348 15.70 6.38 6.60
CA VAL A 348 15.76 7.42 7.66
C VAL A 348 14.97 8.63 7.18
N GLY A 349 13.70 8.64 7.54
CA GLY A 349 12.79 9.73 7.15
C GLY A 349 12.13 9.44 5.82
N ASN A 350 11.61 10.51 5.24
CA ASN A 350 10.96 10.54 3.92
C ASN A 350 11.29 11.88 3.27
N GLU A 351 11.87 11.87 2.08
CA GLU A 351 12.05 13.07 1.22
C GLU A 351 12.63 14.20 2.04
N ASP A 352 13.76 13.94 2.70
CA ASP A 352 14.39 14.96 3.58
C ASP A 352 15.11 16.01 2.70
N PHE A 353 15.09 15.86 1.38
CA PHE A 353 15.47 17.00 0.51
C PHE A 353 14.55 18.19 0.78
N PHE A 354 13.37 18.02 1.43
CA PHE A 354 12.51 19.16 1.82
C PHE A 354 13.00 19.85 3.10
N ALA A 355 13.96 19.23 3.79
CA ALA A 355 14.52 19.75 5.06
C ALA A 355 16.01 19.45 5.07
N ALA A 356 16.69 19.92 4.03
CA ALA A 356 18.08 19.54 3.76
C ALA A 356 18.99 20.34 4.70
N GLY A 357 18.49 21.43 5.29
CA GLY A 357 19.24 22.21 6.29
C GLY A 357 19.43 21.45 7.58
N SER A 358 18.44 20.65 8.00
CA SER A 358 18.51 19.87 9.27
C SER A 358 18.87 18.40 9.02
N TYR A 359 18.65 17.88 7.81
CA TYR A 359 18.88 16.43 7.64
C TYR A 359 20.30 16.02 8.00
N PRO A 360 21.37 16.80 7.69
CA PRO A 360 22.69 16.33 8.05
C PRO A 360 22.75 15.93 9.52
N TYR A 361 22.24 16.76 10.46
CA TYR A 361 22.37 16.40 11.90
C TYR A 361 21.36 15.33 12.27
N ARG A 362 20.21 15.31 11.62
CA ARG A 362 19.20 14.26 11.87
C ARG A 362 19.76 12.92 11.41
N TRP A 363 20.19 12.85 10.16
CA TRP A 363 20.83 11.64 9.62
C TRP A 363 21.96 11.21 10.56
N HIS A 364 22.84 12.15 10.91
CA HIS A 364 24.05 11.78 11.67
C HIS A 364 23.64 11.14 12.97
N ASP A 365 22.74 11.79 13.75
CA ASP A 365 22.44 11.29 15.10
C ASP A 365 21.64 10.01 14.97
N PHE A 366 20.70 9.95 14.03
CA PHE A 366 19.86 8.73 13.90
C PHE A 366 20.74 7.56 13.45
N VAL A 367 21.53 7.74 12.39
CA VAL A 367 22.28 6.61 11.80
C VAL A 367 23.41 6.18 12.73
N THR A 368 24.10 7.09 13.42
CA THR A 368 25.12 6.72 14.42
CA THR A 368 25.14 6.67 14.38
C THR A 368 24.49 5.76 15.43
N ALA A 369 23.35 6.15 15.98
CA ALA A 369 22.68 5.37 17.05
C ALA A 369 22.17 4.06 16.47
N LEU A 370 21.45 4.10 15.36
CA LEU A 370 20.79 2.90 14.83
C LEU A 370 21.85 1.93 14.30
N GLN A 371 22.91 2.41 13.66
CA GLN A 371 23.94 1.48 13.14
C GLN A 371 24.68 0.82 14.31
N ALA A 372 24.89 1.50 15.43
CA ALA A 372 25.48 0.89 16.66
C ALA A 372 24.57 -0.21 17.19
N GLN A 373 23.25 0.00 17.21
CA GLN A 373 22.33 -1.04 17.74
C GLN A 373 22.19 -2.14 16.69
N PHE A 374 22.24 -1.85 15.39
CA PHE A 374 21.79 -2.76 14.32
C PHE A 374 22.86 -2.81 13.24
N PRO A 375 23.99 -3.50 13.54
CA PRO A 375 25.13 -3.45 12.65
C PRO A 375 24.87 -4.06 11.27
N GLN A 376 23.89 -4.96 11.15
CA GLN A 376 23.61 -5.65 9.87
C GLN A 376 22.62 -4.83 9.02
N ILE A 377 21.94 -3.81 9.55
CA ILE A 377 20.92 -3.09 8.74
C ILE A 377 21.63 -2.07 7.84
N ARG A 378 21.12 -1.94 6.62
CA ARG A 378 21.55 -0.90 5.69
C ARG A 378 20.57 0.27 5.81
N PHE A 379 21.09 1.44 6.09
CA PHE A 379 20.33 2.68 6.31
C PHE A 379 20.33 3.48 5.02
N ILE A 380 19.13 3.93 4.64
CA ILE A 380 18.92 4.65 3.37
C ILE A 380 18.65 6.13 3.66
N ALA A 381 19.42 7.01 3.04
CA ALA A 381 19.30 8.47 3.11
C ALA A 381 18.28 8.95 2.08
N THR A 382 17.57 10.01 2.40
CA THR A 382 16.39 10.43 1.62
C THR A 382 16.60 11.81 0.99
N THR A 383 17.71 12.48 1.30
CA THR A 383 18.07 13.71 0.59
C THR A 383 18.52 13.34 -0.82
N ASN A 384 18.66 14.36 -1.66
CA ASN A 384 19.26 14.21 -3.00
C ASN A 384 20.66 13.63 -2.83
N ALA A 385 21.05 12.70 -3.67
CA ALA A 385 22.32 11.99 -3.52
C ALA A 385 23.47 13.02 -3.49
N TRP A 386 24.23 12.98 -2.41
CA TRP A 386 25.53 13.70 -2.21
C TRP A 386 25.37 15.21 -2.10
N ASN A 387 24.14 15.72 -1.97
CA ASN A 387 23.88 17.15 -1.74
C ASN A 387 22.63 17.26 -0.87
N PRO A 388 22.74 17.51 0.45
CA PRO A 388 24.00 17.82 1.13
C PRO A 388 24.87 16.60 1.46
N VAL A 389 26.13 16.85 1.80
CA VAL A 389 27.08 15.77 2.13
C VAL A 389 26.71 15.27 3.52
N LEU A 390 26.47 13.99 3.66
CA LEU A 390 26.06 13.40 4.95
C LEU A 390 27.21 12.63 5.58
N SER A 391 27.14 12.56 6.91
CA SER A 391 28.06 11.79 7.76
C SER A 391 27.22 11.04 8.77
N PRO A 392 27.34 9.70 8.89
CA PRO A 392 28.25 8.91 8.06
C PRO A 392 27.85 8.90 6.59
N VAL A 393 28.80 8.51 5.74
CA VAL A 393 28.57 8.30 4.30
C VAL A 393 27.41 7.32 4.14
N PRO A 394 26.33 7.71 3.45
CA PRO A 394 25.23 6.75 3.26
C PRO A 394 25.66 5.58 2.36
N GLN A 395 25.26 4.40 2.77
CA GLN A 395 25.45 3.16 1.96
C GLN A 395 24.42 3.17 0.83
N SER A 396 23.29 3.85 1.02
CA SER A 396 22.18 3.85 0.05
C SER A 396 21.47 5.18 0.10
N TYR A 397 20.94 5.56 -1.05
CA TYR A 397 20.02 6.70 -1.25
C TYR A 397 18.76 6.20 -1.88
N ASP A 398 17.68 6.86 -1.49
CA ASP A 398 16.34 6.65 -2.06
C ASP A 398 16.11 7.80 -3.04
N VAL A 399 15.95 7.49 -4.29
CA VAL A 399 15.83 8.47 -5.40
C VAL A 399 14.40 8.42 -5.89
N HIS A 400 13.75 9.57 -5.89
CA HIS A 400 12.36 9.70 -6.34
C HIS A 400 12.28 10.51 -7.63
N VAL A 401 11.43 10.12 -8.56
CA VAL A 401 11.21 10.97 -9.76
C VAL A 401 9.80 10.76 -10.29
N TYR A 402 9.12 11.87 -10.47
CA TYR A 402 7.80 11.97 -11.14
C TYR A 402 8.05 12.84 -12.37
N GLN A 403 7.73 12.34 -13.54
CA GLN A 403 8.11 13.06 -14.79
C GLN A 403 7.16 12.59 -15.90
N THR A 404 7.43 12.99 -17.13
CA THR A 404 6.59 12.62 -18.29
C THR A 404 7.01 11.26 -18.80
N PRO A 405 6.12 10.52 -19.51
CA PRO A 405 6.52 9.27 -20.12
C PRO A 405 7.80 9.41 -20.95
N THR A 406 7.86 10.50 -21.73
CA THR A 406 9.03 10.82 -22.56
C THR A 406 10.28 10.93 -21.69
N TRP A 407 10.20 11.67 -20.58
CA TRP A 407 11.36 11.82 -19.68
C TRP A 407 11.88 10.42 -19.32
N PHE A 408 11.00 9.47 -19.02
CA PHE A 408 11.45 8.14 -18.58
C PHE A 408 12.26 7.41 -19.65
N TYR A 409 11.80 7.40 -20.91
CA TYR A 409 12.61 6.72 -21.93
C TYR A 409 13.87 7.52 -22.23
N GLN A 410 13.81 8.84 -22.15
CA GLN A 410 14.97 9.71 -22.45
C GLN A 410 16.02 9.53 -21.34
N ASN A 411 15.63 9.05 -20.16
CA ASN A 411 16.55 9.01 -18.98
C ASN A 411 16.81 7.57 -18.57
N ALA A 412 16.65 6.60 -19.48
CA ALA A 412 16.91 5.18 -19.15
C ALA A 412 18.39 4.98 -18.85
N PHE A 413 19.29 5.92 -19.18
CA PHE A 413 20.73 5.80 -18.86
C PHE A 413 21.04 6.59 -17.58
N TYR A 414 20.03 6.89 -16.76
CA TYR A 414 20.21 7.73 -15.55
C TYR A 414 21.35 7.18 -14.69
N TYR A 415 21.43 5.87 -14.50
CA TYR A 415 22.42 5.26 -13.57
C TYR A 415 23.74 4.86 -14.29
N ASP A 416 23.80 4.86 -15.60
CA ASP A 416 25.00 4.30 -16.31
C ASP A 416 26.27 5.08 -15.94
N GLY A 417 26.19 6.40 -15.78
CA GLY A 417 27.32 7.31 -15.51
C GLY A 417 27.70 7.37 -14.03
N PHE A 418 26.95 6.72 -13.14
CA PHE A 418 27.22 6.72 -11.68
C PHE A 418 28.51 5.95 -11.46
N GLN A 419 29.29 6.46 -10.52
CA GLN A 419 30.40 5.68 -9.96
C GLN A 419 29.87 4.45 -9.25
N ARG A 420 30.67 3.39 -9.34
CA ARG A 420 30.52 2.13 -8.62
C ARG A 420 31.46 2.27 -7.42
N ASN A 421 30.98 2.84 -6.33
CA ASN A 421 31.82 3.06 -5.13
C ASN A 421 31.17 2.54 -3.85
N GLY A 422 30.38 1.47 -3.94
CA GLY A 422 29.81 0.78 -2.76
C GLY A 422 28.46 1.38 -2.35
N THR A 423 28.02 2.48 -2.98
CA THR A 423 26.69 3.09 -2.70
C THR A 423 25.65 2.37 -3.56
N THR A 424 24.48 2.05 -2.99
CA THR A 424 23.39 1.43 -3.79
C THR A 424 22.20 2.36 -3.75
N TYR A 425 21.40 2.27 -4.79
CA TYR A 425 20.31 3.22 -5.05
C TYR A 425 19.01 2.45 -5.03
N PHE A 426 18.04 3.06 -4.36
CA PHE A 426 16.63 2.63 -4.26
C PHE A 426 15.82 3.67 -5.03
N GLU A 427 15.16 3.24 -6.12
CA GLU A 427 14.22 4.12 -6.82
C GLU A 427 12.87 4.00 -6.10
N GLY A 428 12.76 4.62 -4.93
CA GLY A 428 11.70 4.33 -3.96
C GLY A 428 10.34 4.86 -4.38
N GLU A 429 10.32 5.84 -5.27
CA GLU A 429 9.10 6.40 -5.90
C GLU A 429 9.41 6.75 -7.32
N TYR A 430 8.65 6.20 -8.25
CA TYR A 430 8.71 6.76 -9.62
C TYR A 430 7.41 6.48 -10.32
N ALA A 431 7.11 7.35 -11.28
CA ALA A 431 5.92 7.18 -12.14
C ALA A 431 5.93 8.27 -13.20
N ALA A 432 5.47 7.92 -14.39
CA ALA A 432 5.17 8.90 -15.46
C ALA A 432 3.78 9.44 -15.10
N ILE A 433 3.71 10.67 -14.63
CA ILE A 433 2.45 11.16 -14.01
C ILE A 433 1.68 12.13 -14.90
N SER A 434 2.28 12.64 -15.95
CA SER A 434 1.68 13.76 -16.74
C SER A 434 2.32 13.80 -18.13
N THR A 435 1.58 14.27 -19.13
CA THR A 435 2.17 14.50 -20.47
C THR A 435 2.64 15.95 -20.58
N ASN A 436 2.58 16.70 -19.49
CA ASN A 436 2.86 18.16 -19.53
C ASN A 436 4.13 18.45 -18.74
N ALA A 437 5.26 18.56 -19.45
CA ALA A 437 6.59 18.89 -18.89
C ALA A 437 6.52 20.12 -17.99
N ASN A 438 5.56 21.04 -18.19
CA ASN A 438 5.50 22.38 -17.52
C ASN A 438 4.67 22.39 -16.24
N ASP A 439 3.94 21.31 -15.97
CA ASP A 439 2.92 21.26 -14.90
C ASP A 439 2.67 19.79 -14.63
N LEU A 440 3.69 19.15 -14.11
CA LEU A 440 3.68 17.69 -13.86
C LEU A 440 2.59 17.36 -12.83
N PHE A 441 2.37 18.25 -11.86
CA PHE A 441 1.56 17.97 -10.64
C PHE A 441 0.22 18.67 -10.74
N GLY A 442 -0.18 19.11 -11.93
CA GLY A 442 -1.41 19.88 -12.11
C GLY A 442 -2.60 18.97 -12.37
N THR A 443 -3.55 19.50 -13.12
CA THR A 443 -4.87 18.90 -13.35
C THR A 443 -4.78 17.90 -14.48
N VAL A 444 -5.78 17.03 -14.51
CA VAL A 444 -6.01 16.18 -15.70
C VAL A 444 -6.22 17.03 -16.96
N ALA A 445 -6.99 18.12 -16.90
CA ALA A 445 -7.17 19.03 -18.06
C ALA A 445 -5.80 19.53 -18.54
N ASP A 446 -4.84 19.72 -17.64
CA ASP A 446 -3.49 20.22 -17.98
C ASP A 446 -2.47 19.08 -18.15
N GLY A 447 -2.92 17.82 -18.30
CA GLY A 447 -2.07 16.72 -18.79
C GLY A 447 -1.71 15.69 -17.72
N ARG A 448 -2.15 15.89 -16.50
CA ARG A 448 -1.98 14.91 -15.40
C ARG A 448 -2.77 13.65 -15.77
N LEU A 449 -2.18 12.48 -15.55
CA LEU A 449 -2.84 11.21 -15.93
C LEU A 449 -3.77 10.80 -14.82
N ALA A 450 -5.03 10.56 -15.14
CA ALA A 450 -6.02 10.08 -14.16
C ALA A 450 -5.69 8.63 -13.80
N PHE A 451 -5.20 7.91 -14.80
CA PHE A 451 -4.77 6.49 -14.66
C PHE A 451 -3.54 6.31 -15.52
N PRO A 452 -2.68 5.32 -15.21
CA PRO A 452 -1.58 5.02 -16.12
C PRO A 452 -2.12 4.73 -17.52
N THR A 453 -1.33 5.08 -18.53
CA THR A 453 -1.67 4.83 -19.95
C THR A 453 -0.66 3.84 -20.52
N VAL A 454 -0.89 3.41 -21.75
CA VAL A 454 0.12 2.59 -22.44
C VAL A 454 1.41 3.42 -22.58
N GLN A 455 1.25 4.70 -22.89
CA GLN A 455 2.38 5.65 -23.06
C GLN A 455 3.21 5.70 -21.77
N SER A 456 2.54 5.83 -20.64
CA SER A 456 3.22 6.02 -19.33
C SER A 456 3.90 4.71 -18.94
N ALA A 457 3.21 3.59 -19.10
CA ALA A 457 3.73 2.24 -18.75
C ALA A 457 4.96 1.92 -19.61
N THR A 458 4.96 2.31 -20.89
CA THR A 458 6.07 1.91 -21.79
C THR A 458 7.29 2.80 -21.53
N GLY A 459 7.05 4.08 -21.22
CA GLY A 459 8.12 5.01 -20.82
C GLY A 459 8.77 4.48 -19.55
N GLU A 460 7.95 4.15 -18.57
CA GLU A 460 8.44 3.57 -17.30
C GLU A 460 9.24 2.32 -17.62
N ALA A 461 8.71 1.40 -18.45
CA ALA A 461 9.40 0.13 -18.76
C ALA A 461 10.79 0.42 -19.37
N ALA A 462 10.90 1.42 -20.25
CA ALA A 462 12.21 1.79 -20.81
C ALA A 462 13.16 2.19 -19.66
N PHE A 463 12.69 3.02 -18.73
CA PHE A 463 13.51 3.47 -17.60
C PHE A 463 13.90 2.26 -16.78
N MET A 464 12.98 1.30 -16.63
CA MET A 464 13.21 0.09 -15.82
C MET A 464 14.28 -0.80 -16.48
N THR A 465 14.40 -0.82 -17.81
CA THR A 465 15.52 -1.59 -18.43
C THR A 465 16.84 -1.00 -17.97
N GLY A 466 16.92 0.33 -17.82
CA GLY A 466 18.07 1.06 -17.25
C GLY A 466 18.32 0.64 -15.79
N LEU A 467 17.27 0.54 -15.00
CA LEU A 467 17.41 0.09 -13.59
C LEU A 467 17.97 -1.32 -13.58
N GLU A 468 17.49 -2.21 -14.47
CA GLU A 468 17.98 -3.60 -14.43
C GLU A 468 19.44 -3.69 -14.93
N ARG A 469 19.78 -2.96 -15.96
CA ARG A 469 21.15 -2.96 -16.51
C ARG A 469 22.10 -2.43 -15.41
N ASN A 470 21.64 -1.44 -14.67
CA ASN A 470 22.44 -0.76 -13.62
C ASN A 470 22.17 -1.43 -12.25
N SER A 471 21.63 -2.63 -12.25
CA SER A 471 21.27 -3.31 -10.96
C SER A 471 22.51 -3.78 -10.20
N ASP A 472 23.73 -3.53 -10.69
CA ASP A 472 24.93 -3.69 -9.84
C ASP A 472 24.84 -2.62 -8.72
N ILE A 473 24.25 -1.47 -8.96
CA ILE A 473 24.15 -0.37 -7.94
C ILE A 473 22.69 -0.06 -7.61
N VAL A 474 21.74 -0.36 -8.51
CA VAL A 474 20.31 -0.15 -8.19
C VAL A 474 19.84 -1.43 -7.56
N PHE A 475 19.39 -1.36 -6.33
CA PHE A 475 19.08 -2.61 -5.59
C PHE A 475 17.58 -2.83 -5.49
N ALA A 476 16.79 -1.79 -5.75
CA ALA A 476 15.35 -1.80 -5.45
C ALA A 476 14.67 -0.65 -6.16
N ALA A 477 13.45 -0.90 -6.64
CA ALA A 477 12.70 0.10 -7.41
C ALA A 477 11.20 -0.14 -7.25
N SER A 478 10.44 0.91 -6.96
CA SER A 478 8.99 0.78 -6.71
C SER A 478 8.27 1.97 -7.31
N TYR A 479 7.22 1.68 -8.09
CA TYR A 479 6.25 2.69 -8.57
C TYR A 479 5.58 3.31 -7.35
N ALA A 480 5.13 4.54 -7.47
CA ALA A 480 4.27 5.10 -6.40
C ALA A 480 3.33 6.13 -6.98
N PRO A 481 2.13 6.32 -6.39
CA PRO A 481 1.60 5.42 -5.38
C PRO A 481 1.14 4.06 -5.92
N LEU A 482 0.99 3.13 -4.99
CA LEU A 482 0.59 1.75 -5.31
C LEU A 482 -0.90 1.66 -5.54
N LEU A 483 -1.68 2.23 -4.62
CA LEU A 483 -3.12 1.93 -4.50
C LEU A 483 -3.96 3.20 -4.59
N GLN A 484 -5.14 3.07 -5.14
CA GLN A 484 -6.09 4.19 -5.23
C GLN A 484 -7.52 3.69 -5.02
N HIS A 485 -8.18 4.26 -4.03
CA HIS A 485 -9.66 4.16 -3.92
C HIS A 485 -10.24 5.21 -4.88
N VAL A 486 -10.93 4.78 -5.94
CA VAL A 486 -11.40 5.73 -6.97
C VAL A 486 -12.42 6.72 -6.40
N ASN A 487 -12.99 6.49 -5.23
CA ASN A 487 -13.95 7.42 -4.57
C ASN A 487 -13.23 8.36 -3.60
N SER A 488 -11.93 8.23 -3.41
CA SER A 488 -11.19 9.11 -2.48
C SER A 488 -9.74 9.18 -2.90
N THR A 489 -9.49 10.00 -3.91
CA THR A 489 -8.19 10.12 -4.60
C THR A 489 -7.52 11.43 -4.19
N GLN A 490 -6.29 11.37 -3.69
CA GLN A 490 -5.46 12.58 -3.48
C GLN A 490 -4.30 12.67 -4.46
N TRP A 491 -3.99 11.58 -5.18
CA TRP A 491 -2.86 11.57 -6.14
C TRP A 491 -3.17 10.58 -7.24
N THR A 492 -2.99 10.99 -8.49
CA THR A 492 -2.98 10.10 -9.67
C THR A 492 -1.68 10.33 -10.42
N PRO A 493 -1.26 9.39 -11.29
CA PRO A 493 -1.84 8.07 -11.42
C PRO A 493 -1.33 7.07 -10.37
N ASP A 494 -2.03 5.96 -10.24
CA ASP A 494 -1.74 4.93 -9.20
C ASP A 494 -1.63 3.57 -9.85
N LEU A 495 -0.88 2.67 -9.24
CA LEU A 495 -0.63 1.38 -9.91
C LEU A 495 -1.87 0.52 -10.01
N VAL A 496 -2.65 0.48 -8.95
CA VAL A 496 -3.80 -0.44 -8.81
C VAL A 496 -4.93 0.40 -8.23
N SER A 497 -6.08 0.38 -8.89
CA SER A 497 -7.22 1.17 -8.42
C SER A 497 -8.33 0.22 -8.01
N TYR A 498 -9.32 0.72 -7.29
CA TYR A 498 -10.42 -0.13 -6.81
C TYR A 498 -11.54 0.78 -6.31
N ASP A 499 -12.74 0.21 -6.30
CA ASP A 499 -13.82 0.79 -5.49
C ASP A 499 -14.15 -0.27 -4.41
N ALA A 500 -15.31 -0.20 -3.78
CA ALA A 500 -15.63 -1.13 -2.68
C ALA A 500 -15.77 -2.57 -3.20
N GLY A 501 -15.94 -2.77 -4.50
CA GLY A 501 -16.30 -4.08 -5.08
C GLY A 501 -15.24 -4.75 -5.94
N SER A 502 -14.35 -4.01 -6.59
CA SER A 502 -13.51 -4.64 -7.63
C SER A 502 -12.26 -3.82 -7.86
N VAL A 503 -11.31 -4.41 -8.55
CA VAL A 503 -9.93 -3.90 -8.69
C VAL A 503 -9.67 -3.64 -10.15
N ILE A 504 -8.90 -2.61 -10.43
CA ILE A 504 -8.45 -2.24 -11.79
C ILE A 504 -6.94 -2.35 -11.77
N LYS A 505 -6.40 -3.24 -12.61
CA LYS A 505 -4.95 -3.38 -12.81
C LYS A 505 -4.52 -2.46 -13.95
N SER A 506 -3.67 -1.48 -13.66
CA SER A 506 -3.25 -0.47 -14.66
C SER A 506 -2.28 -1.03 -15.68
N THR A 507 -2.12 -0.29 -16.78
CA THR A 507 -1.03 -0.58 -17.75
C THR A 507 0.29 -0.67 -16.99
N SER A 508 0.57 0.26 -16.11
CA SER A 508 1.82 0.31 -15.32
C SER A 508 1.94 -0.92 -14.40
N PHE A 509 0.83 -1.39 -13.84
CA PHE A 509 0.83 -2.64 -13.05
C PHE A 509 1.41 -3.78 -13.89
N PHE A 510 0.88 -3.96 -15.09
CA PHE A 510 1.33 -5.05 -15.95
C PHE A 510 2.79 -4.86 -16.34
N ALA A 511 3.26 -3.63 -16.59
CA ALA A 511 4.71 -3.42 -16.83
C ALA A 511 5.49 -3.88 -15.60
N GLN A 512 5.08 -3.49 -14.40
CA GLN A 512 5.75 -3.86 -13.13
C GLN A 512 5.76 -5.37 -13.01
N LYS A 513 4.64 -6.04 -13.32
CA LYS A 513 4.49 -7.52 -13.18
C LYS A 513 5.39 -8.22 -14.20
N LEU A 514 5.39 -7.72 -15.43
CA LEU A 514 6.20 -8.33 -16.53
C LEU A 514 7.67 -8.24 -16.17
N PHE A 515 8.09 -7.13 -15.57
CA PHE A 515 9.51 -6.96 -15.20
C PHE A 515 9.85 -7.87 -14.03
N ALA A 516 9.02 -7.91 -13.00
CA ALA A 516 9.31 -8.63 -11.75
C ALA A 516 9.20 -10.14 -11.92
N LEU A 517 8.27 -10.65 -12.72
CA LEU A 517 8.05 -12.12 -12.76
C LEU A 517 9.04 -12.79 -13.72
N ASN A 518 9.73 -12.01 -14.55
CA ASN A 518 10.56 -12.50 -15.67
C ASN A 518 11.96 -11.92 -15.48
N LYS A 519 12.61 -12.31 -14.40
CA LYS A 519 13.85 -11.67 -13.93
C LYS A 519 14.76 -12.79 -13.45
N GLY A 520 15.89 -12.93 -14.11
CA GLY A 520 16.88 -13.93 -13.69
C GLY A 520 17.82 -13.36 -12.64
N ASP A 521 18.75 -14.18 -12.19
CA ASP A 521 19.75 -13.78 -11.17
C ASP A 521 21.03 -13.29 -11.87
N GLN A 522 21.19 -13.52 -13.17
CA GLN A 522 22.37 -13.06 -13.93
C GLN A 522 21.94 -11.93 -14.84
N TYR A 523 22.70 -10.84 -14.86
CA TYR A 523 22.52 -9.81 -15.88
C TYR A 523 23.42 -10.15 -17.08
N LEU A 524 22.82 -10.24 -18.28
CA LEU A 524 23.58 -10.54 -19.53
C LEU A 524 23.73 -9.25 -20.30
N PRO A 525 24.96 -8.71 -20.38
CA PRO A 525 25.18 -7.53 -21.17
C PRO A 525 24.77 -7.81 -22.61
N SER A 526 24.27 -6.76 -23.26
CA SER A 526 23.84 -6.80 -24.67
C SER A 526 24.24 -5.48 -25.30
N THR A 527 24.17 -5.43 -26.62
CA THR A 527 24.24 -4.16 -27.39
C THR A 527 23.45 -3.12 -26.62
N LEU A 528 24.01 -1.95 -26.40
CA LEU A 528 23.30 -0.90 -25.65
C LEU A 528 22.21 -0.33 -26.53
N PRO A 529 21.06 -0.02 -25.92
CA PRO A 529 20.10 0.83 -26.57
C PRO A 529 20.73 2.18 -26.89
N THR A 530 20.08 2.90 -27.81
CA THR A 530 20.37 4.32 -28.05
C THR A 530 19.95 5.12 -26.83
N ASN A 531 20.91 5.82 -26.23
CA ASN A 531 20.68 6.77 -25.13
C ASN A 531 19.85 7.93 -25.67
N GLY A 532 18.61 8.09 -25.18
CA GLY A 532 17.71 9.15 -25.66
C GLY A 532 16.65 8.59 -26.60
N GLY A 533 16.82 7.36 -27.08
CA GLY A 533 15.90 6.68 -28.02
C GLY A 533 14.67 6.11 -27.33
N THR A 534 13.73 5.61 -28.12
CA THR A 534 12.43 5.11 -27.59
C THR A 534 12.53 3.61 -27.29
N LEU A 535 13.54 2.92 -27.82
CA LEU A 535 13.59 1.45 -27.81
C LEU A 535 14.67 1.00 -26.84
N HIS A 536 14.30 0.24 -25.82
CA HIS A 536 15.21 -0.20 -24.73
C HIS A 536 14.97 -1.67 -24.42
N TRP A 537 15.99 -2.33 -23.94
CA TRP A 537 15.89 -3.75 -23.58
C TRP A 537 16.85 -4.05 -22.44
N SER A 538 16.55 -5.13 -21.76
CA SER A 538 17.42 -5.68 -20.72
C SER A 538 17.23 -7.19 -20.66
N ILE A 539 18.34 -7.91 -20.49
CA ILE A 539 18.35 -9.36 -20.54
C ILE A 539 18.94 -9.90 -19.26
N THR A 540 18.19 -10.78 -18.63
CA THR A 540 18.65 -11.54 -17.47
C THR A 540 18.48 -13.03 -17.72
N ARG A 541 19.07 -13.84 -16.86
CA ARG A 541 19.02 -15.31 -17.01
C ARG A 541 19.00 -15.95 -15.62
N ALA A 542 18.21 -16.99 -15.49
CA ALA A 542 18.10 -17.80 -14.26
C ALA A 542 19.21 -18.86 -14.35
N SER A 543 20.25 -18.72 -13.52
CA SER A 543 21.45 -19.61 -13.52
C SER A 543 20.99 -21.07 -13.34
N SER A 544 19.92 -21.34 -12.61
CA SER A 544 19.48 -22.70 -12.20
C SER A 544 18.80 -23.44 -13.36
N SER A 545 18.10 -22.70 -14.23
CA SER A 545 17.21 -23.25 -15.28
C SER A 545 17.71 -22.88 -16.69
N GLY A 546 18.48 -21.80 -16.83
CA GLY A 546 18.85 -21.22 -18.13
C GLY A 546 17.70 -20.42 -18.77
N LYS A 547 16.57 -20.31 -18.07
CA LYS A 547 15.49 -19.40 -18.53
C LYS A 547 16.08 -18.01 -18.66
N THR A 548 15.86 -17.41 -19.83
CA THR A 548 16.50 -16.16 -20.27
C THR A 548 15.40 -15.19 -20.69
N PHE A 549 15.38 -14.04 -20.04
CA PHE A 549 14.27 -13.08 -20.08
C PHE A 549 14.72 -11.83 -20.78
N ILE A 550 14.23 -11.68 -22.00
CA ILE A 550 14.55 -10.52 -22.85
C ILE A 550 13.39 -9.55 -22.71
N LYS A 551 13.61 -8.45 -22.00
CA LYS A 551 12.54 -7.45 -21.78
C LYS A 551 12.78 -6.28 -22.71
N ILE A 552 11.75 -5.90 -23.44
CA ILE A 552 11.85 -4.90 -24.53
C ILE A 552 10.77 -3.87 -24.29
N ALA A 553 11.17 -2.61 -24.22
CA ALA A 553 10.26 -1.46 -24.09
C ALA A 553 10.37 -0.64 -25.35
N ASN A 554 9.26 -0.50 -26.05
CA ASN A 554 9.18 0.45 -27.17
C ASN A 554 8.28 1.57 -26.69
N ALA A 555 8.87 2.70 -26.27
CA ALA A 555 8.13 3.78 -25.60
C ALA A 555 7.70 4.84 -26.63
N GLY A 556 7.86 4.52 -27.91
CA GLY A 556 7.63 5.47 -29.03
C GLY A 556 6.50 5.06 -29.95
N SER A 557 6.22 5.90 -30.95
CA SER A 557 5.02 5.77 -31.79
C SER A 557 5.35 4.93 -33.02
N SER A 558 6.58 4.47 -33.17
CA SER A 558 7.06 3.69 -34.34
C SER A 558 7.39 2.27 -33.86
N ALA A 559 6.86 1.27 -34.58
CA ALA A 559 7.28 -0.13 -34.46
C ALA A 559 8.79 -0.18 -34.77
N GLN A 560 9.51 -1.05 -34.11
CA GLN A 560 10.99 -1.15 -34.29
C GLN A 560 11.36 -2.62 -34.28
N SER A 561 12.10 -3.05 -35.29
CA SER A 561 12.62 -4.41 -35.44
C SER A 561 13.87 -4.61 -34.57
N LEU A 562 13.93 -5.74 -33.90
CA LEU A 562 15.12 -6.21 -33.17
C LEU A 562 15.46 -7.60 -33.70
N THR A 563 16.72 -7.83 -34.06
CA THR A 563 17.25 -9.16 -34.35
C THR A 563 18.18 -9.52 -33.20
N PHE A 564 17.84 -10.56 -32.47
CA PHE A 564 18.67 -11.09 -31.37
C PHE A 564 19.67 -12.10 -31.90
N GLN A 565 20.93 -11.91 -31.52
CA GLN A 565 22.02 -12.85 -31.86
C GLN A 565 22.52 -13.45 -30.57
N LEU A 566 22.31 -14.76 -30.41
CA LEU A 566 22.65 -15.57 -29.21
C LEU A 566 23.74 -16.59 -29.59
N THR A 567 24.54 -16.28 -30.60
CA THR A 567 25.56 -17.21 -31.15
C THR A 567 26.57 -17.60 -30.04
N GLN A 568 26.72 -16.82 -28.98
CA GLN A 568 27.72 -17.12 -27.91
C GLN A 568 27.32 -18.35 -27.10
N PHE A 569 26.02 -18.70 -27.07
CA PHE A 569 25.53 -19.83 -26.27
C PHE A 569 25.78 -21.12 -27.03
N ASN A 570 25.92 -22.22 -26.29
CA ASN A 570 26.03 -23.59 -26.82
C ASN A 570 24.66 -23.96 -27.40
N SER A 571 23.56 -23.68 -26.67
CA SER A 571 22.19 -24.06 -27.09
C SER A 571 21.21 -22.93 -26.76
N VAL A 572 20.24 -22.74 -27.64
CA VAL A 572 19.07 -21.85 -27.40
C VAL A 572 17.83 -22.67 -27.77
N SER A 573 16.80 -22.65 -26.93
CA SER A 573 15.52 -23.35 -27.21
C SER A 573 15.03 -22.94 -28.61
N SER A 574 14.35 -23.85 -29.28
CA SER A 574 13.85 -23.65 -30.65
C SER A 574 12.53 -22.88 -30.60
N THR A 575 11.92 -22.78 -29.42
CA THR A 575 10.78 -21.86 -29.22
C THR A 575 11.01 -21.05 -27.96
N GLY A 576 10.27 -19.97 -27.84
CA GLY A 576 10.23 -19.13 -26.64
C GLY A 576 8.81 -18.66 -26.44
N THR A 577 8.57 -18.05 -25.29
CA THR A 577 7.26 -17.40 -25.03
C THR A 577 7.41 -15.92 -25.27
N LEU A 578 6.36 -15.32 -25.83
CA LEU A 578 6.24 -13.86 -25.90
C LEU A 578 5.10 -13.42 -25.00
N GLN A 579 5.36 -12.46 -24.14
CA GLN A 579 4.29 -11.75 -23.42
C GLN A 579 4.34 -10.31 -23.87
N VAL A 580 3.22 -9.79 -24.33
CA VAL A 580 3.26 -8.38 -24.82
C VAL A 580 2.10 -7.58 -24.24
N LEU A 581 2.44 -6.39 -23.75
CA LEU A 581 1.45 -5.37 -23.33
C LEU A 581 1.52 -4.23 -24.34
N THR A 582 0.43 -3.93 -25.02
CA THR A 582 0.45 -2.84 -26.01
C THR A 582 -0.99 -2.38 -26.21
N GLY A 583 -1.12 -1.26 -26.88
CA GLY A 583 -2.42 -0.68 -27.20
C GLY A 583 -2.20 0.74 -27.63
N PRO A 584 -3.29 1.47 -27.84
CA PRO A 584 -3.21 2.88 -28.21
C PRO A 584 -2.45 3.65 -27.11
N GLU A 585 -1.70 4.63 -27.56
CA GLU A 585 -0.80 5.47 -26.72
C GLU A 585 -1.50 5.95 -25.45
N THR A 586 -2.70 6.48 -25.56
CA THR A 586 -3.42 7.08 -24.41
C THR A 586 -4.39 6.10 -23.77
N ALA A 587 -4.36 4.82 -24.12
CA ALA A 587 -5.31 3.83 -23.57
C ALA A 587 -4.95 3.56 -22.10
N SER A 588 -5.99 3.39 -21.30
CA SER A 588 -5.98 3.22 -19.85
C SER A 588 -6.96 2.10 -19.51
N ASN A 589 -6.66 1.40 -18.44
CA ASN A 589 -7.67 0.60 -17.71
C ASN A 589 -8.37 1.50 -16.70
N THR A 590 -9.69 1.58 -16.84
CA THR A 590 -10.56 2.48 -16.02
C THR A 590 -11.61 1.63 -15.32
N PRO A 591 -12.35 2.23 -14.36
CA PRO A 591 -13.48 1.53 -13.73
C PRO A 591 -14.46 1.07 -14.82
N GLU A 592 -14.67 1.89 -15.85
CA GLU A 592 -15.66 1.63 -16.91
C GLU A 592 -15.15 0.52 -17.84
N ALA A 593 -13.84 0.46 -18.09
CA ALA A 593 -13.20 -0.53 -18.98
C ALA A 593 -11.95 -1.08 -18.29
N PRO A 594 -12.12 -1.92 -17.26
CA PRO A 594 -10.98 -2.32 -16.44
C PRO A 594 -10.04 -3.33 -17.13
N GLN A 595 -10.45 -3.94 -18.25
CA GLN A 595 -9.58 -4.89 -19.00
C GLN A 595 -9.35 -4.39 -20.43
N ALA A 596 -9.32 -3.09 -20.63
CA ALA A 596 -9.07 -2.51 -21.97
C ALA A 596 -7.70 -3.04 -22.47
N ILE A 597 -6.69 -2.99 -21.62
CA ILE A 597 -5.27 -3.27 -22.00
C ILE A 597 -4.81 -4.38 -21.07
N VAL A 598 -4.57 -5.56 -21.62
CA VAL A 598 -4.02 -6.67 -20.83
C VAL A 598 -2.96 -7.35 -21.66
N PRO A 599 -1.98 -7.98 -21.01
CA PRO A 599 -0.93 -8.67 -21.73
C PRO A 599 -1.46 -9.93 -22.44
N LYS A 600 -0.81 -10.23 -23.54
CA LYS A 600 -1.09 -11.44 -24.35
C LYS A 600 0.16 -12.29 -24.40
N THR A 601 -0.03 -13.59 -24.23
CA THR A 601 1.02 -14.61 -24.26
C THR A 601 0.89 -15.46 -25.51
N SER A 602 2.01 -15.74 -26.16
CA SER A 602 2.06 -16.59 -27.35
C SER A 602 3.39 -17.34 -27.37
N THR A 603 3.50 -18.26 -28.33
CA THR A 603 4.75 -18.98 -28.60
C THR A 603 5.39 -18.44 -29.88
N ILE A 604 6.68 -18.16 -29.83
CA ILE A 604 7.43 -17.70 -31.02
C ILE A 604 8.58 -18.67 -31.27
N GLY A 605 9.05 -18.66 -32.51
CA GLY A 605 10.22 -19.43 -32.94
C GLY A 605 11.47 -18.71 -32.55
N THR A 606 12.40 -19.45 -31.96
N THR A 606 12.40 -19.45 -31.97
CA THR A 606 13.66 -18.89 -31.42
CA THR A 606 13.66 -18.89 -31.42
C THR A 606 14.81 -19.83 -31.77
C THR A 606 14.81 -19.83 -31.77
N GLY A 607 16.01 -19.40 -31.40
CA GLY A 607 17.25 -20.12 -31.64
C GLY A 607 18.35 -19.12 -31.47
N LYS A 608 19.48 -19.35 -32.11
CA LYS A 608 20.62 -18.42 -31.96
C LYS A 608 20.38 -17.11 -32.71
N THR A 609 19.42 -17.04 -33.61
CA THR A 609 19.01 -15.78 -34.26
C THR A 609 17.49 -15.80 -34.39
N PHE A 610 16.85 -14.69 -34.02
CA PHE A 610 15.41 -14.49 -34.24
C PHE A 610 15.18 -12.99 -34.28
N THR A 611 14.09 -12.63 -34.94
CA THR A 611 13.70 -11.24 -35.18
C THR A 611 12.29 -11.02 -34.63
N TYR A 612 12.15 -9.95 -33.86
CA TYR A 612 10.90 -9.49 -33.24
C TYR A 612 10.66 -8.05 -33.61
N ASN A 613 9.47 -7.77 -34.10
CA ASN A 613 9.03 -6.40 -34.38
C ASN A 613 8.35 -5.94 -33.10
N ALA A 614 8.99 -5.03 -32.35
CA ALA A 614 8.38 -4.45 -31.15
C ALA A 614 7.39 -3.37 -31.57
N PRO A 615 6.07 -3.58 -31.35
CA PRO A 615 5.10 -2.56 -31.72
C PRO A 615 5.34 -1.25 -31.00
N ALA A 616 4.91 -0.17 -31.65
CA ALA A 616 4.76 1.13 -30.98
C ALA A 616 4.11 0.87 -29.61
N PHE A 617 4.60 1.58 -28.60
CA PHE A 617 4.02 1.61 -27.24
C PHE A 617 3.76 0.18 -26.82
N SER A 618 4.84 -0.55 -26.61
CA SER A 618 4.75 -1.95 -26.18
C SER A 618 5.78 -2.25 -25.10
N VAL A 619 5.40 -3.14 -24.22
CA VAL A 619 6.33 -3.85 -23.32
C VAL A 619 6.26 -5.30 -23.67
N SER A 620 7.40 -5.92 -23.95
CA SER A 620 7.49 -7.31 -24.44
C SER A 620 8.48 -8.07 -23.59
N VAL A 621 8.14 -9.29 -23.26
CA VAL A 621 9.10 -10.23 -22.64
C VAL A 621 9.17 -11.46 -23.49
N ILE A 622 10.37 -11.78 -23.98
CA ILE A 622 10.64 -13.05 -24.68
C ILE A 622 11.45 -13.92 -23.71
N THR A 623 10.95 -15.09 -23.44
CA THR A 623 11.62 -16.09 -22.59
C THR A 623 12.09 -17.24 -23.47
N VAL A 624 13.38 -17.49 -23.46
CA VAL A 624 13.99 -18.67 -24.11
C VAL A 624 14.80 -19.40 -23.05
N THR A 625 15.25 -20.61 -23.34
CA THR A 625 16.21 -21.35 -22.50
C THR A 625 17.56 -21.31 -23.24
N THR A 626 18.60 -20.90 -22.53
CA THR A 626 19.96 -20.79 -23.08
C THR A 626 20.91 -21.58 -22.18
N ASN A 627 21.92 -22.19 -22.80
CA ASN A 627 23.02 -22.85 -22.05
C ASN A 627 24.29 -22.67 -22.88
#